data_7UXM
#
_entry.id   7UXM
#
_cell.length_a   56.000
_cell.length_b   73.270
_cell.length_c   113.210
_cell.angle_alpha   90.000
_cell.angle_beta   90.000
_cell.angle_gamma   90.000
#
_symmetry.space_group_name_H-M   'P 21 21 21'
#
loop_
_entity.id
_entity.type
_entity.pdbx_description
1 polymer 'Peptidyl-prolyl cis-trans isomerase A'
2 polymer FP29092
3 non-polymer 1,2-ETHANEDIOL
4 non-polymer 'AMINO GROUP'
5 non-polymer "N,N'-(1,4-phenylene)diacetamide"
6 water water
#
loop_
_entity_poly.entity_id
_entity_poly.type
_entity_poly.pdbx_seq_one_letter_code
_entity_poly.pdbx_strand_id
1 'polypeptide(L)'
;GMVNPTVFFDIAVDGEPLGRVSFELFADKVPKTAENFRALSTGEKGFGYKGSCFHRIIPGFMCQGGDFTRHNGTGGKSIY
GEKFEDENFILKHTGPGILSMANAGPNTNGSQFFICTAKTEWLDGKHVVFGKVKEGMNIVEAMERFGSRNGKTSKKITIA
DCGQLE
;
A,B,C
2 'polypeptide(L)' (ACE)DPANQDCHVAAWHCWQR D,E,F
#
loop_
_chem_comp.id
_chem_comp.type
_chem_comp.name
_chem_comp.formula
ACE non-polymer 'ACETYL GROUP' 'C2 H4 O'
EDO non-polymer 1,2-ETHANEDIOL 'C2 H6 O2'
NH2 non-polymer 'AMINO GROUP' 'H2 N'
WHL non-polymer N,N'-(1,4-phenylene)diacetamide 'C10 H12 N2 O2'
#
# COMPACT_ATOMS: atom_id res chain seq x y z
N GLY A 1 1.04 2.60 4.46
CA GLY A 1 1.31 2.27 3.06
C GLY A 1 0.33 2.90 2.12
N MET A 2 0.49 2.64 0.82
N MET A 2 0.48 2.62 0.83
CA MET A 2 -0.54 2.99 -0.14
CA MET A 2 -0.54 2.99 -0.13
C MET A 2 -1.80 2.17 0.15
C MET A 2 -1.80 2.16 0.11
N VAL A 3 -2.96 2.81 -0.03
CA VAL A 3 -4.22 2.14 0.23
C VAL A 3 -4.43 1.03 -0.79
N ASN A 4 -4.79 -0.17 -0.29
CA ASN A 4 -5.12 -1.28 -1.19
C ASN A 4 -6.36 -0.93 -2.01
N PRO A 5 -6.38 -1.25 -3.30
CA PRO A 5 -7.55 -0.93 -4.12
C PRO A 5 -8.77 -1.75 -3.71
N THR A 6 -9.95 -1.15 -3.90
CA THR A 6 -11.21 -1.86 -3.81
C THR A 6 -11.87 -1.78 -5.18
N VAL A 7 -12.32 -2.91 -5.69
N VAL A 7 -12.32 -2.94 -5.68
CA VAL A 7 -13.02 -2.91 -6.97
CA VAL A 7 -12.95 -3.09 -6.99
C VAL A 7 -14.38 -3.56 -6.76
C VAL A 7 -14.36 -3.63 -6.78
N PHE A 8 -15.26 -3.34 -7.72
CA PHE A 8 -16.59 -3.92 -7.67
C PHE A 8 -16.94 -4.57 -8.99
N PHE A 9 -17.82 -5.58 -8.90
CA PHE A 9 -18.50 -6.17 -10.04
C PHE A 9 -19.99 -6.03 -9.80
N ASP A 10 -20.74 -5.57 -10.81
CA ASP A 10 -22.19 -5.70 -10.82
C ASP A 10 -22.54 -6.95 -11.62
N ILE A 11 -23.18 -7.91 -10.95
CA ILE A 11 -23.46 -9.23 -11.53
C ILE A 11 -24.87 -9.23 -12.09
N ALA A 12 -25.04 -9.86 -13.25
CA ALA A 12 -26.36 -10.06 -13.84
C ALA A 12 -26.54 -11.53 -14.20
N VAL A 13 -27.80 -11.95 -14.25
CA VAL A 13 -28.19 -13.32 -14.57
C VAL A 13 -29.11 -13.25 -15.78
N ASP A 14 -28.63 -13.78 -16.91
CA ASP A 14 -29.32 -13.58 -18.19
C ASP A 14 -29.78 -12.12 -18.37
N GLY A 15 -28.90 -11.16 -18.02
CA GLY A 15 -29.19 -9.75 -18.19
C GLY A 15 -29.93 -9.09 -17.05
N GLU A 16 -30.46 -9.85 -16.11
CA GLU A 16 -31.24 -9.28 -15.01
C GLU A 16 -30.29 -8.99 -13.84
N PRO A 17 -30.27 -7.77 -13.32
CA PRO A 17 -29.32 -7.42 -12.25
C PRO A 17 -29.53 -8.30 -11.02
N LEU A 18 -28.42 -8.86 -10.52
CA LEU A 18 -28.42 -9.65 -9.30
C LEU A 18 -27.92 -8.86 -8.10
N GLY A 19 -26.75 -8.26 -8.20
CA GLY A 19 -26.24 -7.43 -7.12
C GLY A 19 -24.78 -7.13 -7.33
N ARG A 20 -24.22 -6.40 -6.36
CA ARG A 20 -22.85 -5.91 -6.43
C ARG A 20 -21.96 -6.66 -5.46
N VAL A 21 -20.77 -7.05 -5.93
CA VAL A 21 -19.75 -7.66 -5.09
C VAL A 21 -18.55 -6.71 -5.13
N SER A 22 -18.01 -6.39 -3.97
CA SER A 22 -16.77 -5.62 -3.93
C SER A 22 -15.66 -6.47 -3.36
N PHE A 23 -14.43 -6.10 -3.70
CA PHE A 23 -13.25 -6.87 -3.32
C PHE A 23 -12.14 -5.93 -2.88
N GLU A 24 -11.45 -6.29 -1.81
CA GLU A 24 -10.15 -5.69 -1.52
C GLU A 24 -9.09 -6.48 -2.27
N LEU A 25 -8.18 -5.78 -2.93
CA LEU A 25 -7.06 -6.40 -3.63
C LEU A 25 -5.80 -6.14 -2.82
N PHE A 26 -5.10 -7.23 -2.46
CA PHE A 26 -3.97 -7.16 -1.52
C PHE A 26 -2.69 -6.75 -2.24
N ALA A 27 -2.72 -5.52 -2.78
CA ALA A 27 -1.58 -5.01 -3.53
C ALA A 27 -0.35 -4.81 -2.64
N ASP A 28 -0.57 -4.68 -1.33
CA ASP A 28 0.53 -4.65 -0.38
C ASP A 28 1.33 -5.94 -0.36
N LYS A 29 0.73 -7.06 -0.68
CA LYS A 29 1.45 -8.34 -0.68
C LYS A 29 1.76 -8.87 -2.07
N VAL A 30 0.86 -8.66 -3.02
CA VAL A 30 0.98 -9.16 -4.39
C VAL A 30 0.71 -8.02 -5.37
N PRO A 31 1.60 -7.05 -5.46
CA PRO A 31 1.29 -5.86 -6.27
C PRO A 31 1.02 -6.17 -7.72
N LYS A 32 1.81 -7.04 -8.35
CA LYS A 32 1.67 -7.28 -9.78
C LYS A 32 0.37 -8.01 -10.07
N THR A 33 -0.01 -8.93 -9.21
CA THR A 33 -1.24 -9.70 -9.43
C THR A 33 -2.45 -8.82 -9.13
N ALA A 34 -2.39 -8.04 -8.06
CA ALA A 34 -3.49 -7.12 -7.74
C ALA A 34 -3.67 -6.09 -8.85
N GLU A 35 -2.55 -5.54 -9.36
CA GLU A 35 -2.66 -4.50 -10.38
C GLU A 35 -3.29 -5.03 -11.66
N ASN A 36 -2.95 -6.27 -12.05
CA ASN A 36 -3.57 -6.89 -13.21
C ASN A 36 -5.09 -6.89 -13.06
N PHE A 37 -5.59 -7.42 -11.94
CA PHE A 37 -7.04 -7.53 -11.72
C PHE A 37 -7.67 -6.14 -11.61
N ARG A 38 -6.99 -5.20 -10.96
CA ARG A 38 -7.52 -3.85 -10.82
C ARG A 38 -7.69 -3.18 -12.18
N ALA A 39 -6.65 -3.23 -13.01
CA ALA A 39 -6.73 -2.61 -14.32
C ALA A 39 -7.77 -3.28 -15.20
N LEU A 40 -7.90 -4.62 -15.10
CA LEU A 40 -8.90 -5.31 -15.91
C LEU A 40 -10.31 -4.96 -15.44
N SER A 41 -10.47 -4.59 -14.18
CA SER A 41 -11.77 -4.19 -13.66
C SER A 41 -12.19 -2.78 -14.05
N THR A 42 -11.24 -1.88 -14.28
CA THR A 42 -11.63 -0.54 -14.72
C THR A 42 -11.77 -0.46 -16.23
N GLY A 43 -11.18 -1.39 -16.97
CA GLY A 43 -11.13 -1.31 -18.42
C GLY A 43 -10.13 -0.34 -18.99
N GLU A 44 -9.26 0.21 -18.15
CA GLU A 44 -8.40 1.31 -18.58
C GLU A 44 -7.35 0.91 -19.62
N LYS A 45 -7.03 -0.38 -19.76
CA LYS A 45 -6.11 -0.80 -20.82
C LYS A 45 -6.80 -1.00 -22.15
N GLY A 46 -8.12 -0.79 -22.21
CA GLY A 46 -8.89 -0.99 -23.42
C GLY A 46 -9.54 -2.34 -23.52
N PHE A 47 -9.31 -3.22 -22.55
CA PHE A 47 -9.94 -4.53 -22.47
C PHE A 47 -10.10 -4.87 -20.99
N GLY A 48 -10.96 -5.83 -20.69
CA GLY A 48 -11.11 -6.18 -19.29
C GLY A 48 -12.39 -6.96 -19.06
N TYR A 49 -12.76 -7.02 -17.78
CA TYR A 49 -13.78 -7.95 -17.34
C TYR A 49 -15.21 -7.55 -17.72
N LYS A 50 -15.49 -6.28 -18.01
CA LYS A 50 -16.86 -5.90 -18.28
C LYS A 50 -17.43 -6.69 -19.44
N GLY A 51 -18.60 -7.29 -19.24
CA GLY A 51 -19.26 -8.06 -20.27
C GLY A 51 -18.90 -9.52 -20.27
N SER A 52 -17.89 -9.94 -19.50
CA SER A 52 -17.50 -11.33 -19.46
C SER A 52 -18.31 -12.08 -18.41
N CYS A 53 -18.20 -13.41 -18.43
N CYS A 53 -18.17 -13.39 -18.41
CA CYS A 53 -19.06 -14.24 -17.60
CA CYS A 53 -19.04 -14.25 -17.61
C CYS A 53 -18.25 -15.07 -16.62
C CYS A 53 -18.23 -15.03 -16.59
N PHE A 54 -18.95 -15.56 -15.60
CA PHE A 54 -18.42 -16.62 -14.75
C PHE A 54 -18.74 -17.93 -15.45
N HIS A 55 -17.73 -18.53 -16.08
CA HIS A 55 -17.98 -19.66 -16.96
C HIS A 55 -17.99 -20.99 -16.22
N ARG A 56 -17.48 -21.04 -14.99
CA ARG A 56 -17.47 -22.28 -14.24
C ARG A 56 -17.84 -21.97 -12.80
N ILE A 57 -18.94 -22.55 -12.34
CA ILE A 57 -19.42 -22.33 -10.97
C ILE A 57 -19.69 -23.71 -10.39
N ILE A 58 -18.95 -24.09 -9.35
CA ILE A 58 -19.09 -25.37 -8.67
C ILE A 58 -19.59 -25.08 -7.25
N PRO A 59 -20.87 -25.34 -6.95
CA PRO A 59 -21.41 -24.99 -5.64
C PRO A 59 -20.62 -25.66 -4.52
N GLY A 60 -20.37 -24.90 -3.46
CA GLY A 60 -19.57 -25.39 -2.36
C GLY A 60 -18.08 -25.31 -2.58
N PHE A 61 -17.65 -24.87 -3.76
CA PHE A 61 -16.19 -24.78 -4.07
C PHE A 61 -15.85 -23.36 -4.50
N MET A 62 -16.23 -22.97 -5.73
CA MET A 62 -15.80 -21.63 -6.20
C MET A 62 -16.58 -21.15 -7.42
N CYS A 63 -16.48 -19.85 -7.70
CA CYS A 63 -17.07 -19.27 -8.94
C CYS A 63 -15.88 -18.72 -9.73
N GLN A 64 -15.73 -19.13 -10.98
CA GLN A 64 -14.56 -18.80 -11.79
C GLN A 64 -14.98 -17.93 -12.98
N GLY A 65 -14.18 -16.90 -13.24
CA GLY A 65 -14.35 -16.09 -14.43
C GLY A 65 -13.05 -15.57 -14.99
N GLY A 66 -13.15 -14.53 -15.82
CA GLY A 66 -12.00 -13.85 -16.33
C GLY A 66 -11.70 -14.03 -17.80
N ASP A 67 -12.45 -14.86 -18.52
CA ASP A 67 -12.20 -15.05 -19.96
C ASP A 67 -12.99 -14.01 -20.74
N PHE A 68 -12.38 -12.84 -20.93
CA PHE A 68 -12.98 -11.77 -21.71
C PHE A 68 -12.52 -11.78 -23.17
N THR A 69 -11.66 -12.73 -23.57
CA THR A 69 -11.16 -12.73 -24.95
C THR A 69 -11.83 -13.76 -25.84
N ARG A 70 -12.13 -14.95 -25.31
CA ARG A 70 -12.78 -16.00 -26.09
C ARG A 70 -14.15 -16.36 -25.54
N HIS A 71 -14.46 -15.94 -24.31
CA HIS A 71 -15.77 -16.14 -23.69
C HIS A 71 -16.14 -17.62 -23.60
N ASN A 72 -15.15 -18.51 -23.50
CA ASN A 72 -15.43 -19.93 -23.39
C ASN A 72 -14.64 -20.65 -22.32
N GLY A 73 -13.84 -19.95 -21.53
CA GLY A 73 -13.06 -20.55 -20.48
C GLY A 73 -11.61 -20.84 -20.81
N THR A 74 -11.22 -20.74 -22.08
CA THR A 74 -9.83 -20.98 -22.47
C THR A 74 -9.06 -19.69 -22.72
N GLY A 75 -9.73 -18.56 -22.72
CA GLY A 75 -9.10 -17.29 -23.03
C GLY A 75 -8.79 -16.46 -21.80
N GLY A 76 -8.83 -15.15 -21.97
CA GLY A 76 -8.31 -14.22 -20.99
C GLY A 76 -6.85 -13.91 -21.25
N LYS A 77 -6.46 -12.69 -20.91
CA LYS A 77 -5.06 -12.28 -21.01
C LYS A 77 -4.76 -11.30 -19.90
N SER A 78 -3.50 -11.31 -19.45
CA SER A 78 -3.04 -10.36 -18.47
C SER A 78 -2.79 -9.02 -19.13
N ILE A 79 -2.47 -8.01 -18.30
CA ILE A 79 -2.06 -6.71 -18.83
C ILE A 79 -0.61 -6.68 -19.23
N TYR A 80 0.13 -7.80 -19.13
CA TYR A 80 1.57 -7.82 -19.27
C TYR A 80 2.05 -8.30 -20.63
N GLY A 81 1.15 -8.65 -21.54
CA GLY A 81 1.55 -9.12 -22.85
C GLY A 81 1.88 -10.58 -22.93
N GLU A 82 1.83 -11.29 -21.81
CA GLU A 82 2.05 -12.73 -21.75
C GLU A 82 1.58 -13.21 -20.40
N LYS A 83 1.44 -14.52 -20.26
CA LYS A 83 1.11 -15.08 -18.95
C LYS A 83 2.26 -14.83 -17.99
N PHE A 84 1.94 -14.56 -16.72
CA PHE A 84 2.95 -14.09 -15.79
C PHE A 84 3.16 -15.03 -14.61
N GLU A 85 4.28 -14.82 -13.93
CA GLU A 85 4.76 -15.70 -12.89
C GLU A 85 3.83 -15.66 -11.69
N ASP A 86 3.85 -16.74 -10.92
CA ASP A 86 3.25 -16.75 -9.59
C ASP A 86 4.06 -15.81 -8.72
N GLU A 87 3.44 -14.72 -8.32
CA GLU A 87 4.19 -13.65 -7.67
C GLU A 87 4.73 -14.11 -6.32
N ASN A 88 3.88 -14.70 -5.49
CA ASN A 88 4.28 -15.37 -4.25
C ASN A 88 3.06 -16.14 -3.74
N PHE A 89 3.27 -16.94 -2.70
CA PHE A 89 2.19 -17.69 -2.06
C PHE A 89 2.04 -17.30 -0.58
N ILE A 90 2.30 -16.03 -0.26
CA ILE A 90 2.21 -15.56 1.12
C ILE A 90 0.80 -15.77 1.69
N LEU A 91 -0.22 -15.42 0.92
CA LEU A 91 -1.58 -15.46 1.41
C LEU A 91 -2.21 -16.82 1.10
N LYS A 92 -3.08 -17.26 2.00
CA LYS A 92 -3.64 -18.59 1.94
C LYS A 92 -5.14 -18.54 1.68
N HIS A 93 -5.68 -19.70 1.26
CA HIS A 93 -7.10 -19.86 0.96
C HIS A 93 -7.80 -20.16 2.28
N THR A 94 -8.18 -19.12 3.00
CA THR A 94 -8.58 -19.26 4.40
C THR A 94 -10.08 -19.49 4.59
N GLY A 95 -10.90 -19.25 3.58
CA GLY A 95 -12.33 -19.39 3.74
C GLY A 95 -13.10 -18.77 2.60
N PRO A 96 -14.43 -18.75 2.71
CA PRO A 96 -15.24 -18.14 1.66
C PRO A 96 -14.86 -16.68 1.43
N GLY A 97 -14.94 -16.28 0.16
CA GLY A 97 -14.66 -14.91 -0.25
C GLY A 97 -13.26 -14.68 -0.76
N ILE A 98 -12.35 -15.65 -0.59
CA ILE A 98 -11.00 -15.49 -1.09
C ILE A 98 -11.01 -15.40 -2.60
N LEU A 99 -10.21 -14.48 -3.13
CA LEU A 99 -10.04 -14.26 -4.55
C LEU A 99 -8.64 -14.74 -4.92
N SER A 100 -8.56 -15.69 -5.86
CA SER A 100 -7.32 -16.39 -6.18
C SER A 100 -7.20 -16.60 -7.69
N MET A 101 -5.96 -16.74 -8.18
CA MET A 101 -5.75 -16.87 -9.62
C MET A 101 -5.96 -18.30 -10.09
N ALA A 102 -6.74 -18.44 -11.17
CA ALA A 102 -6.77 -19.69 -11.91
C ALA A 102 -5.57 -19.73 -12.84
N ASN A 103 -5.07 -20.94 -13.09
CA ASN A 103 -3.90 -21.09 -13.93
C ASN A 103 -3.92 -22.44 -14.63
N ALA A 104 -2.99 -22.61 -15.56
CA ALA A 104 -2.81 -23.87 -16.28
C ALA A 104 -1.56 -24.60 -15.84
N GLY A 105 -1.06 -24.28 -14.64
CA GLY A 105 0.19 -24.80 -14.13
C GLY A 105 1.04 -23.68 -13.57
N PRO A 106 2.22 -24.00 -13.01
CA PRO A 106 3.08 -22.95 -12.46
C PRO A 106 3.40 -21.85 -13.47
N ASN A 107 3.31 -20.61 -12.99
CA ASN A 107 3.72 -19.42 -13.73
C ASN A 107 2.95 -19.25 -15.04
N THR A 108 1.62 -19.39 -14.97
CA THR A 108 0.78 -19.27 -16.16
C THR A 108 -0.43 -18.37 -15.89
N ASN A 109 -0.25 -17.32 -15.10
CA ASN A 109 -1.35 -16.44 -14.74
C ASN A 109 -1.71 -15.56 -15.92
N GLY A 110 -3.01 -15.46 -16.23
CA GLY A 110 -3.48 -14.55 -17.25
C GLY A 110 -4.46 -13.58 -16.64
N SER A 111 -5.75 -13.81 -16.85
CA SER A 111 -6.78 -12.98 -16.24
C SER A 111 -7.84 -13.80 -15.52
N GLN A 112 -7.74 -15.12 -15.52
CA GLN A 112 -8.79 -15.92 -14.90
C GLN A 112 -8.56 -16.05 -13.41
N PHE A 113 -9.66 -16.09 -12.68
CA PHE A 113 -9.64 -16.02 -11.23
C PHE A 113 -10.84 -16.77 -10.71
N PHE A 114 -10.81 -17.05 -9.42
CA PHE A 114 -11.99 -17.64 -8.80
C PHE A 114 -12.22 -17.04 -7.42
N ILE A 115 -13.49 -17.02 -7.05
CA ILE A 115 -13.94 -16.62 -5.72
C ILE A 115 -14.31 -17.89 -4.98
N CYS A 116 -13.59 -18.18 -3.90
CA CYS A 116 -13.89 -19.36 -3.11
C CYS A 116 -15.20 -19.20 -2.37
N THR A 117 -15.95 -20.28 -2.26
CA THR A 117 -17.14 -20.32 -1.42
C THR A 117 -16.97 -21.27 -0.24
N ALA A 118 -15.74 -21.66 0.05
CA ALA A 118 -15.37 -22.51 1.17
C ALA A 118 -13.88 -22.32 1.38
N LYS A 119 -13.38 -22.81 2.52
CA LYS A 119 -11.95 -22.87 2.72
C LYS A 119 -11.37 -23.93 1.78
N THR A 120 -10.31 -23.57 1.04
CA THR A 120 -9.73 -24.47 0.05
C THR A 120 -8.22 -24.59 0.28
N GLU A 121 -7.83 -25.14 1.43
CA GLU A 121 -6.43 -25.14 1.85
C GLU A 121 -5.54 -25.94 0.91
N TRP A 122 -6.10 -26.96 0.28
CA TRP A 122 -5.47 -27.71 -0.79
C TRP A 122 -5.04 -26.98 -2.06
N LEU A 123 -5.38 -25.70 -2.17
CA LEU A 123 -4.86 -24.85 -3.23
C LEU A 123 -3.68 -23.99 -2.78
N ASP A 124 -3.37 -23.95 -1.48
CA ASP A 124 -2.30 -23.12 -0.98
C ASP A 124 -0.98 -23.53 -1.62
N GLY A 125 -0.23 -22.55 -2.12
CA GLY A 125 1.05 -22.82 -2.75
C GLY A 125 0.99 -23.12 -4.23
N LYS A 126 -0.21 -23.21 -4.81
CA LYS A 126 -0.38 -23.42 -6.23
C LYS A 126 -1.20 -22.35 -6.92
N HIS A 127 -1.99 -21.60 -6.18
CA HIS A 127 -2.77 -20.50 -6.74
C HIS A 127 -2.49 -19.27 -5.91
N VAL A 128 -2.21 -18.16 -6.57
CA VAL A 128 -1.86 -16.94 -5.88
C VAL A 128 -3.13 -16.26 -5.38
N VAL A 129 -3.27 -16.17 -4.06
CA VAL A 129 -4.33 -15.41 -3.41
C VAL A 129 -3.99 -13.93 -3.46
N PHE A 130 -4.94 -13.11 -3.94
CA PHE A 130 -4.65 -11.69 -4.14
C PHE A 130 -5.76 -10.75 -3.71
N GLY A 131 -6.85 -11.26 -3.14
CA GLY A 131 -7.92 -10.39 -2.73
C GLY A 131 -8.95 -11.14 -1.93
N LYS A 132 -9.99 -10.41 -1.51
CA LYS A 132 -11.08 -11.01 -0.75
C LYS A 132 -12.34 -10.19 -0.93
N VAL A 133 -13.49 -10.87 -0.97
CA VAL A 133 -14.77 -10.17 -1.01
C VAL A 133 -14.91 -9.30 0.23
N LYS A 134 -15.32 -8.05 0.01
N LYS A 134 -15.31 -8.05 0.02
CA LYS A 134 -15.62 -7.11 1.08
CA LYS A 134 -15.65 -7.16 1.12
C LYS A 134 -17.12 -7.12 1.33
C LYS A 134 -17.15 -7.13 1.35
N GLU A 135 -17.91 -6.63 0.39
CA GLU A 135 -19.36 -6.60 0.48
C GLU A 135 -19.93 -7.50 -0.63
N GLY A 136 -21.11 -8.05 -0.37
CA GLY A 136 -21.80 -8.81 -1.38
C GLY A 136 -21.49 -10.29 -1.43
N MET A 137 -21.00 -10.88 -0.34
CA MET A 137 -20.79 -12.31 -0.39
C MET A 137 -22.12 -13.03 -0.61
N ASN A 138 -23.24 -12.42 -0.18
CA ASN A 138 -24.54 -13.02 -0.46
C ASN A 138 -24.82 -13.11 -1.97
N ILE A 139 -24.29 -12.17 -2.74
CA ILE A 139 -24.44 -12.24 -4.19
C ILE A 139 -23.65 -13.42 -4.75
N VAL A 140 -22.44 -13.65 -4.23
CA VAL A 140 -21.66 -14.80 -4.66
C VAL A 140 -22.40 -16.09 -4.34
N GLU A 141 -23.00 -16.17 -3.14
CA GLU A 141 -23.79 -17.36 -2.81
C GLU A 141 -24.96 -17.53 -3.76
N ALA A 142 -25.60 -16.43 -4.15
CA ALA A 142 -26.71 -16.49 -5.09
C ALA A 142 -26.24 -17.01 -6.45
N MET A 143 -24.99 -16.68 -6.81
CA MET A 143 -24.43 -17.14 -8.07
C MET A 143 -24.33 -18.67 -8.12
N GLU A 144 -24.01 -19.28 -6.99
CA GLU A 144 -23.90 -20.72 -6.89
C GLU A 144 -25.16 -21.44 -7.31
N ARG A 145 -26.36 -20.79 -7.21
CA ARG A 145 -27.60 -21.43 -7.61
C ARG A 145 -27.61 -21.79 -9.09
N PHE A 146 -26.70 -21.22 -9.87
CA PHE A 146 -26.62 -21.46 -11.30
C PHE A 146 -25.44 -22.35 -11.67
N GLY A 147 -24.76 -22.92 -10.69
CA GLY A 147 -23.64 -23.80 -10.95
C GLY A 147 -24.06 -25.25 -11.02
N SER A 148 -23.08 -26.13 -11.15
CA SER A 148 -23.31 -27.57 -11.24
C SER A 148 -22.04 -28.27 -10.80
N ARG A 149 -22.12 -29.59 -10.59
CA ARG A 149 -20.95 -30.33 -10.11
C ARG A 149 -19.80 -30.25 -11.11
N ASN A 150 -20.12 -30.34 -12.40
CA ASN A 150 -19.06 -30.16 -13.39
C ASN A 150 -18.71 -28.71 -13.65
N GLY A 151 -19.52 -27.76 -13.16
CA GLY A 151 -19.21 -26.35 -13.24
C GLY A 151 -19.91 -25.60 -14.36
N LYS A 152 -20.46 -26.31 -15.33
CA LYS A 152 -21.24 -25.61 -16.35
C LYS A 152 -22.38 -24.86 -15.69
N THR A 153 -22.62 -23.64 -16.14
CA THR A 153 -23.65 -22.80 -15.55
C THR A 153 -24.99 -22.92 -16.27
N SER A 154 -26.06 -22.72 -15.53
CA SER A 154 -27.40 -22.92 -16.06
C SER A 154 -28.00 -21.66 -16.67
N LYS A 155 -27.41 -20.51 -16.36
CA LYS A 155 -27.78 -19.23 -16.95
C LYS A 155 -26.48 -18.47 -17.14
N LYS A 156 -26.54 -17.41 -17.93
CA LYS A 156 -25.34 -16.60 -18.16
C LYS A 156 -25.11 -15.67 -16.98
N ILE A 157 -24.03 -15.86 -16.27
CA ILE A 157 -23.73 -15.08 -15.07
C ILE A 157 -22.66 -14.08 -15.47
N THR A 158 -23.04 -12.82 -15.64
CA THR A 158 -22.15 -11.86 -16.28
C THR A 158 -21.72 -10.77 -15.33
N ILE A 159 -20.52 -10.23 -15.60
CA ILE A 159 -20.04 -9.01 -14.97
C ILE A 159 -20.59 -7.89 -15.85
N ALA A 160 -21.78 -7.40 -15.51
CA ALA A 160 -22.45 -6.40 -16.32
C ALA A 160 -21.73 -5.05 -16.27
N ASP A 161 -21.09 -4.76 -15.14
CA ASP A 161 -20.29 -3.55 -14.99
C ASP A 161 -19.25 -3.84 -13.92
N CYS A 162 -18.18 -3.05 -13.93
CA CYS A 162 -17.12 -3.21 -12.95
C CYS A 162 -16.28 -1.95 -12.94
N GLY A 163 -15.57 -1.75 -11.85
CA GLY A 163 -14.74 -0.56 -11.71
C GLY A 163 -14.01 -0.55 -10.39
N GLN A 164 -13.38 0.59 -10.10
CA GLN A 164 -12.60 0.78 -8.88
C GLN A 164 -13.29 1.82 -8.01
N LEU A 165 -13.66 1.42 -6.81
CA LEU A 165 -14.28 2.35 -5.89
C LEU A 165 -13.25 3.35 -5.38
N GLU A 166 -13.73 4.54 -5.06
CA GLU A 166 -12.86 5.57 -4.52
C GLU A 166 -13.01 5.60 -3.00
N VAL B 3 13.88 6.87 11.14
CA VAL B 3 12.83 6.11 10.47
C VAL B 3 11.53 6.18 11.26
N ASN B 4 10.40 6.35 10.57
CA ASN B 4 9.11 6.35 11.24
C ASN B 4 8.91 5.04 11.98
N PRO B 5 8.52 5.07 13.25
CA PRO B 5 8.31 3.82 13.99
C PRO B 5 7.04 3.12 13.55
N THR B 6 7.01 1.83 13.83
N THR B 6 7.02 1.82 13.76
CA THR B 6 5.83 0.98 13.63
CA THR B 6 5.77 1.08 13.68
C THR B 6 5.50 0.29 14.95
C THR B 6 5.51 0.41 15.00
N VAL B 7 4.24 0.41 15.39
CA VAL B 7 3.80 -0.21 16.63
C VAL B 7 2.60 -1.10 16.31
N PHE B 8 2.27 -1.97 17.26
CA PHE B 8 1.15 -2.88 17.06
C PHE B 8 0.31 -2.92 18.32
N PHE B 9 -0.97 -3.23 18.11
CA PHE B 9 -1.91 -3.62 19.16
C PHE B 9 -2.43 -5.02 18.85
N ASP B 10 -2.48 -5.88 19.86
CA ASP B 10 -3.26 -7.11 19.82
C ASP B 10 -4.63 -6.81 20.43
N ILE B 11 -5.68 -7.01 19.64
CA ILE B 11 -7.04 -6.66 20.04
C ILE B 11 -7.74 -7.92 20.52
N ALA B 12 -8.53 -7.79 21.59
CA ALA B 12 -9.33 -8.88 22.09
C ALA B 12 -10.76 -8.41 22.25
N VAL B 13 -11.69 -9.36 22.16
CA VAL B 13 -13.13 -9.13 22.23
C VAL B 13 -13.64 -9.96 23.38
N ASP B 14 -14.08 -9.31 24.46
CA ASP B 14 -14.43 -10.02 25.69
C ASP B 14 -13.34 -11.02 26.09
N GLY B 15 -12.08 -10.59 25.96
CA GLY B 15 -10.94 -11.41 26.33
C GLY B 15 -10.51 -12.43 25.29
N GLU B 16 -11.28 -12.64 24.24
N GLU B 16 -11.29 -12.64 24.23
CA GLU B 16 -10.90 -13.59 23.21
CA GLU B 16 -10.95 -13.58 23.17
C GLU B 16 -10.10 -12.90 22.12
C GLU B 16 -10.10 -12.88 22.12
N PRO B 17 -8.93 -13.42 21.77
CA PRO B 17 -8.08 -12.74 20.76
C PRO B 17 -8.78 -12.60 19.42
N LEU B 18 -8.71 -11.38 18.88
CA LEU B 18 -9.26 -11.06 17.56
C LEU B 18 -8.16 -10.97 16.51
N GLY B 19 -7.14 -10.15 16.73
CA GLY B 19 -6.03 -10.09 15.82
C GLY B 19 -5.13 -8.91 16.12
N ARG B 20 -4.11 -8.77 15.28
CA ARG B 20 -3.09 -7.75 15.45
C ARG B 20 -3.26 -6.64 14.41
N VAL B 21 -3.19 -5.40 14.86
CA VAL B 21 -3.21 -4.22 13.99
C VAL B 21 -1.88 -3.51 14.19
N SER B 22 -1.22 -3.18 13.10
CA SER B 22 0.01 -2.38 13.19
C SER B 22 -0.19 -1.04 12.54
N PHE B 23 0.61 -0.07 12.97
CA PHE B 23 0.48 1.33 12.57
C PHE B 23 1.84 1.89 12.24
N GLU B 24 1.92 2.63 11.16
CA GLU B 24 3.05 3.52 10.93
C GLU B 24 2.76 4.85 11.61
N LEU B 25 3.72 5.37 12.38
CA LEU B 25 3.59 6.65 13.05
C LEU B 25 4.44 7.68 12.31
N PHE B 26 3.81 8.79 11.91
CA PHE B 26 4.45 9.78 11.03
C PHE B 26 5.33 10.74 11.84
N ALA B 27 6.39 10.16 12.43
CA ALA B 27 7.33 10.94 13.23
C ALA B 27 8.00 12.03 12.40
N ASP B 28 8.16 11.79 11.11
CA ASP B 28 8.73 12.79 10.22
C ASP B 28 7.84 14.01 10.00
N LYS B 29 6.56 13.95 10.35
CA LYS B 29 5.66 15.10 10.22
C LYS B 29 5.20 15.66 11.56
N VAL B 30 4.96 14.79 12.53
CA VAL B 30 4.43 15.17 13.85
C VAL B 30 5.24 14.46 14.93
N PRO B 31 6.47 14.91 15.19
CA PRO B 31 7.36 14.10 16.02
C PRO B 31 6.88 13.88 17.43
N LYS B 32 6.41 14.92 18.10
CA LYS B 32 6.01 14.75 19.49
C LYS B 32 4.76 13.89 19.59
N THR B 33 3.86 14.01 18.62
CA THR B 33 2.62 13.25 18.66
C THR B 33 2.89 11.77 18.40
N ALA B 34 3.74 11.49 17.42
CA ALA B 34 4.13 10.11 17.15
C ALA B 34 4.88 9.51 18.33
N GLU B 35 5.79 10.29 18.95
CA GLU B 35 6.60 9.77 20.04
C GLU B 35 5.73 9.44 21.25
N ASN B 36 4.73 10.26 21.55
CA ASN B 36 3.83 10.00 22.66
C ASN B 36 3.13 8.66 22.46
N PHE B 37 2.55 8.45 21.28
CA PHE B 37 1.83 7.21 21.00
C PHE B 37 2.80 6.03 21.01
N ARG B 38 4.01 6.22 20.47
CA ARG B 38 5.00 5.15 20.47
C ARG B 38 5.32 4.71 21.88
N ALA B 39 5.64 5.66 22.76
CA ALA B 39 6.04 5.32 24.13
C ALA B 39 4.87 4.74 24.94
N LEU B 40 3.65 5.19 24.67
CA LEU B 40 2.50 4.60 25.35
C LEU B 40 2.25 3.17 24.86
N SER B 41 2.58 2.89 23.60
CA SER B 41 2.44 1.54 23.06
C SER B 41 3.51 0.60 23.59
N THR B 42 4.73 1.08 23.83
CA THR B 42 5.73 0.21 24.43
C THR B 42 5.58 0.07 25.93
N GLY B 43 4.94 1.04 26.59
CA GLY B 43 4.87 1.04 28.04
C GLY B 43 6.17 1.43 28.72
N GLU B 44 7.15 1.96 27.97
CA GLU B 44 8.50 2.11 28.50
C GLU B 44 8.63 3.11 29.65
N LYS B 45 7.67 4.02 29.86
CA LYS B 45 7.72 4.92 31.01
C LYS B 45 7.11 4.30 32.26
N GLY B 46 6.63 3.07 32.19
CA GLY B 46 5.98 2.46 33.31
C GLY B 46 4.48 2.57 33.30
N PHE B 47 3.90 3.06 32.21
CA PHE B 47 2.46 3.14 32.02
C PHE B 47 2.19 3.20 30.52
N GLY B 48 0.94 2.93 30.14
CA GLY B 48 0.61 3.03 28.73
C GLY B 48 -0.63 2.24 28.38
N TYR B 49 -0.72 1.90 27.10
CA TYR B 49 -1.97 1.41 26.51
C TYR B 49 -2.28 -0.05 26.82
N LYS B 50 -1.30 -0.88 27.19
CA LYS B 50 -1.62 -2.30 27.39
C LYS B 50 -2.71 -2.48 28.44
N GLY B 51 -3.75 -3.22 28.08
CA GLY B 51 -4.84 -3.48 28.98
C GLY B 51 -6.00 -2.50 28.90
N SER B 52 -5.84 -1.41 28.16
CA SER B 52 -6.90 -0.42 28.02
C SER B 52 -7.89 -0.87 26.94
N CYS B 53 -8.98 -0.11 26.81
CA CYS B 53 -10.03 -0.50 25.89
C CYS B 53 -10.35 0.58 24.86
N PHE B 54 -11.06 0.16 23.82
CA PHE B 54 -11.68 1.08 22.88
C PHE B 54 -13.06 1.37 23.45
N HIS B 55 -13.22 2.51 24.10
CA HIS B 55 -14.43 2.80 24.85
C HIS B 55 -15.56 3.36 23.99
N ARG B 56 -15.29 3.77 22.76
CA ARG B 56 -16.32 4.34 21.90
C ARG B 56 -16.04 3.88 20.47
N ILE B 57 -17.01 3.19 19.88
CA ILE B 57 -16.89 2.72 18.50
C ILE B 57 -18.18 3.09 17.78
N ILE B 58 -18.07 3.91 16.74
CA ILE B 58 -19.21 4.33 15.95
C ILE B 58 -19.07 3.75 14.55
N PRO B 59 -19.86 2.75 14.18
CA PRO B 59 -19.69 2.14 12.86
C PRO B 59 -19.78 3.17 11.74
N GLY B 60 -18.91 3.03 10.75
CA GLY B 60 -18.84 3.97 9.65
C GLY B 60 -18.11 5.25 9.99
N PHE B 61 -17.61 5.38 11.21
CA PHE B 61 -16.93 6.64 11.62
C PHE B 61 -15.55 6.30 12.18
N MET B 62 -15.48 5.77 13.40
CA MET B 62 -14.14 5.55 14.00
C MET B 62 -14.18 4.64 15.22
N CYS B 63 -13.00 4.19 15.66
CA CYS B 63 -12.87 3.42 16.92
C CYS B 63 -11.96 4.27 17.82
N GLN B 64 -12.40 4.60 19.02
CA GLN B 64 -11.66 5.49 19.92
C GLN B 64 -11.14 4.75 21.14
N GLY B 65 -9.88 5.02 21.51
CA GLY B 65 -9.30 4.45 22.70
C GLY B 65 -8.29 5.39 23.33
N GLY B 66 -7.45 4.84 24.21
CA GLY B 66 -6.36 5.58 24.80
C GLY B 66 -6.58 6.06 26.22
N ASP B 67 -7.75 5.83 26.80
CA ASP B 67 -7.96 6.28 28.16
C ASP B 67 -7.52 5.15 29.08
N PHE B 68 -6.21 5.12 29.38
CA PHE B 68 -5.68 4.04 30.18
C PHE B 68 -5.68 4.34 31.68
N THR B 69 -6.21 5.49 32.08
CA THR B 69 -6.34 5.83 33.50
C THR B 69 -7.77 5.66 34.01
N ARG B 70 -8.79 6.11 33.24
CA ARG B 70 -10.19 6.06 33.69
C ARG B 70 -11.12 5.28 32.77
N HIS B 71 -10.75 5.07 31.51
CA HIS B 71 -11.37 4.07 30.65
C HIS B 71 -12.77 4.50 30.16
N ASN B 72 -13.03 5.81 30.07
CA ASN B 72 -14.36 6.30 29.69
C ASN B 72 -14.35 7.58 28.87
N GLY B 73 -13.19 8.09 28.48
CA GLY B 73 -13.13 9.32 27.71
C GLY B 73 -12.74 10.52 28.52
N THR B 74 -12.78 10.43 29.83
CA THR B 74 -12.38 11.57 30.66
C THR B 74 -10.92 11.50 31.08
N GLY B 75 -10.23 10.37 30.87
CA GLY B 75 -8.89 10.16 31.37
C GLY B 75 -7.84 10.06 30.29
N GLY B 76 -6.72 9.43 30.64
CA GLY B 76 -5.58 9.39 29.76
C GLY B 76 -4.55 10.43 30.15
N LYS B 77 -3.30 10.17 29.82
CA LYS B 77 -2.25 11.14 30.07
C LYS B 77 -1.16 10.94 29.04
N SER B 78 -0.56 12.05 28.62
CA SER B 78 0.57 11.96 27.72
C SER B 78 1.82 11.56 28.49
N ILE B 79 2.91 11.34 27.76
CA ILE B 79 4.22 11.12 28.39
C ILE B 79 4.88 12.41 28.85
N TYR B 80 4.28 13.57 28.57
CA TYR B 80 4.93 14.85 28.78
C TYR B 80 4.55 15.55 30.09
N GLY B 81 3.77 14.90 30.95
CA GLY B 81 3.41 15.49 32.23
C GLY B 81 2.26 16.47 32.19
N GLU B 82 1.70 16.71 31.01
CA GLU B 82 0.63 17.66 30.78
C GLU B 82 0.15 17.44 29.35
N LYS B 83 -1.01 18.02 29.05
CA LYS B 83 -1.52 17.93 27.69
C LYS B 83 -0.58 18.74 26.80
N PHE B 84 -0.54 18.41 25.50
CA PHE B 84 0.43 19.03 24.60
C PHE B 84 -0.23 19.68 23.38
N GLU B 85 0.53 20.57 22.74
N GLU B 85 0.52 20.58 22.75
CA GLU B 85 0.04 21.36 21.62
CA GLU B 85 0.02 21.39 21.64
C GLU B 85 -0.39 20.49 20.46
C GLU B 85 -0.37 20.51 20.46
N ASP B 86 -1.31 21.03 19.65
CA ASP B 86 -1.53 20.49 18.31
C ASP B 86 -0.30 20.86 17.48
N GLU B 87 0.50 19.87 17.10
CA GLU B 87 1.77 20.21 16.47
C GLU B 87 1.56 20.88 15.12
N ASN B 88 0.70 20.31 14.29
CA ASN B 88 0.36 20.89 13.01
C ASN B 88 -0.83 20.09 12.52
N PHE B 89 -1.46 20.61 11.47
CA PHE B 89 -2.56 19.92 10.81
C PHE B 89 -2.20 19.60 9.36
N ILE B 90 -0.92 19.30 9.12
CA ILE B 90 -0.44 19.03 7.77
C ILE B 90 -1.17 17.84 7.16
N LEU B 91 -1.28 16.75 7.92
CA LEU B 91 -1.86 15.52 7.41
C LEU B 91 -3.38 15.54 7.57
N LYS B 92 -4.07 14.97 6.60
CA LYS B 92 -5.52 15.05 6.54
C LYS B 92 -6.16 13.68 6.82
N HIS B 93 -7.45 13.74 7.14
CA HIS B 93 -8.24 12.53 7.43
C HIS B 93 -8.77 11.99 6.11
N THR B 94 -7.93 11.24 5.41
CA THR B 94 -8.17 10.92 4.01
C THR B 94 -8.98 9.64 3.78
N GLY B 95 -9.17 8.81 4.79
CA GLY B 95 -9.87 7.56 4.57
C GLY B 95 -9.71 6.61 5.72
N PRO B 96 -10.21 5.38 5.55
CA PRO B 96 -10.08 4.37 6.61
C PRO B 96 -8.63 4.11 6.96
N GLY B 97 -8.41 3.87 8.25
CA GLY B 97 -7.10 3.54 8.78
C GLY B 97 -6.31 4.72 9.31
N ILE B 98 -6.78 5.94 9.09
CA ILE B 98 -6.09 7.10 9.64
C ILE B 98 -6.14 7.07 11.16
N LEU B 99 -4.99 7.35 11.79
CA LEU B 99 -4.85 7.47 13.24
C LEU B 99 -4.71 8.94 13.60
N SER B 100 -5.58 9.42 14.49
CA SER B 100 -5.67 10.84 14.80
C SER B 100 -5.93 11.02 16.28
N MET B 101 -5.55 12.19 16.81
CA MET B 101 -5.68 12.45 18.24
C MET B 101 -7.08 12.93 18.60
N ALA B 102 -7.66 12.31 19.62
CA ALA B 102 -8.83 12.88 20.25
C ALA B 102 -8.40 14.03 21.15
N ASN B 103 -9.31 14.98 21.36
CA ASN B 103 -8.97 16.11 22.23
C ASN B 103 -10.23 16.73 22.79
N ALA B 104 -10.03 17.72 23.67
CA ALA B 104 -11.11 18.49 24.28
C ALA B 104 -11.04 19.95 23.86
N GLY B 105 -10.53 20.21 22.65
CA GLY B 105 -10.32 21.56 22.16
C GLY B 105 -8.88 21.79 21.76
N PRO B 106 -8.59 22.96 21.23
CA PRO B 106 -7.22 23.27 20.79
C PRO B 106 -6.19 22.99 21.89
N ASN B 107 -5.12 22.31 21.51
CA ASN B 107 -3.93 22.16 22.35
C ASN B 107 -4.24 21.41 23.65
N THR B 108 -5.00 20.30 23.53
CA THR B 108 -5.35 19.47 24.69
C THR B 108 -5.05 17.99 24.46
N ASN B 109 -4.02 17.69 23.69
CA ASN B 109 -3.71 16.29 23.40
C ASN B 109 -3.17 15.61 24.65
N GLY B 110 -3.68 14.42 24.93
CA GLY B 110 -3.21 13.60 26.03
C GLY B 110 -2.76 12.26 25.52
N SER B 111 -3.63 11.26 25.64
CA SER B 111 -3.35 9.93 25.13
C SER B 111 -4.48 9.33 24.31
N GLN B 112 -5.63 10.00 24.22
CA GLN B 112 -6.74 9.41 23.50
C GLN B 112 -6.61 9.67 22.01
N PHE B 113 -7.07 8.68 21.24
CA PHE B 113 -6.87 8.67 19.79
C PHE B 113 -8.06 7.97 19.17
N PHE B 114 -8.17 8.08 17.86
CA PHE B 114 -9.15 7.28 17.15
C PHE B 114 -8.58 6.78 15.84
N ILE B 115 -9.10 5.62 15.41
CA ILE B 115 -8.80 5.05 14.10
C ILE B 115 -10.02 5.26 13.23
N CYS B 116 -9.85 6.02 12.15
CA CYS B 116 -10.97 6.26 11.25
C CYS B 116 -11.32 5.02 10.45
N THR B 117 -12.61 4.83 10.21
CA THR B 117 -13.08 3.77 9.34
C THR B 117 -13.75 4.33 8.11
N ALA B 118 -13.57 5.63 7.86
CA ALA B 118 -14.09 6.33 6.71
C ALA B 118 -13.26 7.59 6.52
N LYS B 119 -13.44 8.25 5.39
CA LYS B 119 -12.87 9.57 5.21
C LYS B 119 -13.66 10.55 6.09
N THR B 120 -12.96 11.36 6.88
CA THR B 120 -13.58 12.28 7.83
C THR B 120 -12.99 13.69 7.65
N GLU B 121 -13.23 14.29 6.48
CA GLU B 121 -12.53 15.54 6.14
C GLU B 121 -12.95 16.69 7.06
N TRP B 122 -14.14 16.61 7.65
CA TRP B 122 -14.63 17.62 8.59
C TRP B 122 -13.87 17.65 9.91
N LEU B 123 -12.92 16.73 10.10
CA LEU B 123 -12.00 16.78 11.23
C LEU B 123 -10.68 17.45 10.89
N ASP B 124 -10.41 17.71 9.61
CA ASP B 124 -9.14 18.32 9.21
C ASP B 124 -9.00 19.68 9.87
N GLY B 125 -7.82 19.94 10.43
CA GLY B 125 -7.58 21.18 11.12
C GLY B 125 -8.08 21.24 12.54
N LYS B 126 -8.70 20.18 13.03
CA LYS B 126 -9.19 20.09 14.40
C LYS B 126 -8.54 18.97 15.19
N HIS B 127 -8.13 17.89 14.52
CA HIS B 127 -7.50 16.75 15.15
C HIS B 127 -6.22 16.47 14.42
N VAL B 128 -5.15 16.23 15.18
CA VAL B 128 -3.82 15.99 14.59
C VAL B 128 -3.74 14.53 14.12
N VAL B 129 -3.61 14.36 12.81
CA VAL B 129 -3.34 13.07 12.21
C VAL B 129 -1.87 12.74 12.39
N PHE B 130 -1.59 11.53 12.86
CA PHE B 130 -0.22 11.18 13.18
C PHE B 130 0.19 9.76 12.79
N GLY B 131 -0.69 8.99 12.17
CA GLY B 131 -0.29 7.65 11.76
C GLY B 131 -1.36 7.04 10.90
N LYS B 132 -1.13 5.78 10.53
N LYS B 132 -1.13 5.78 10.54
CA LYS B 132 -2.10 5.05 9.75
CA LYS B 132 -2.12 5.06 9.75
C LYS B 132 -1.89 3.55 9.96
C LYS B 132 -1.90 3.56 9.93
N VAL B 133 -3.00 2.80 9.86
CA VAL B 133 -2.92 1.34 9.90
C VAL B 133 -2.05 0.86 8.76
N LYS B 134 -1.08 0.00 9.08
CA LYS B 134 -0.18 -0.59 8.10
C LYS B 134 -0.61 -2.00 7.74
N GLU B 135 -0.94 -2.81 8.73
CA GLU B 135 -1.49 -4.14 8.54
C GLU B 135 -2.62 -4.36 9.53
N GLY B 136 -3.57 -5.19 9.14
CA GLY B 136 -4.64 -5.55 10.04
C GLY B 136 -5.87 -4.65 9.98
N MET B 137 -6.11 -3.97 8.85
CA MET B 137 -7.33 -3.19 8.75
C MET B 137 -8.56 -4.08 8.90
N ASN B 138 -8.45 -5.36 8.52
CA ASN B 138 -9.56 -6.28 8.70
C ASN B 138 -9.91 -6.44 10.17
N ILE B 139 -8.93 -6.29 11.07
CA ILE B 139 -9.22 -6.34 12.49
C ILE B 139 -10.00 -5.11 12.92
N VAL B 140 -9.63 -3.93 12.41
CA VAL B 140 -10.38 -2.71 12.70
C VAL B 140 -11.80 -2.82 12.16
N GLU B 141 -11.95 -3.38 10.94
CA GLU B 141 -13.29 -3.58 10.41
C GLU B 141 -14.11 -4.51 11.30
N ALA B 142 -13.48 -5.54 11.85
CA ALA B 142 -14.18 -6.43 12.78
C ALA B 142 -14.56 -5.70 14.08
N MET B 143 -13.68 -4.83 14.58
CA MET B 143 -13.99 -4.03 15.75
C MET B 143 -15.25 -3.21 15.56
N GLU B 144 -15.46 -2.67 14.35
CA GLU B 144 -16.65 -1.84 14.13
C GLU B 144 -17.94 -2.58 14.39
N ARG B 145 -17.94 -3.90 14.24
CA ARG B 145 -19.16 -4.66 14.43
C ARG B 145 -19.63 -4.64 15.87
N PHE B 146 -18.81 -4.14 16.79
CA PHE B 146 -19.16 -4.05 18.20
C PHE B 146 -19.50 -2.64 18.63
N GLY B 147 -19.70 -1.72 17.69
CA GLY B 147 -20.07 -0.36 18.01
C GLY B 147 -21.58 -0.13 17.95
N SER B 148 -21.96 1.12 18.14
CA SER B 148 -23.36 1.52 18.12
C SER B 148 -23.42 2.97 17.69
N ARG B 149 -24.64 3.46 17.42
CA ARG B 149 -24.76 4.81 16.89
C ARG B 149 -24.25 5.85 17.89
N ASN B 150 -24.49 5.63 19.18
CA ASN B 150 -23.95 6.55 20.18
C ASN B 150 -22.51 6.24 20.55
N GLY B 151 -21.99 5.09 20.11
CA GLY B 151 -20.63 4.70 20.37
C GLY B 151 -20.44 3.70 21.49
N LYS B 152 -21.46 3.43 22.29
CA LYS B 152 -21.31 2.43 23.34
C LYS B 152 -20.99 1.09 22.69
N THR B 153 -20.01 0.37 23.22
CA THR B 153 -19.62 -0.90 22.62
C THR B 153 -20.48 -2.05 23.17
N SER B 154 -20.71 -3.03 22.31
CA SER B 154 -21.56 -4.16 22.68
C SER B 154 -20.79 -5.29 23.36
N LYS B 155 -19.47 -5.31 23.20
CA LYS B 155 -18.56 -6.21 23.90
C LYS B 155 -17.36 -5.38 24.30
N LYS B 156 -16.54 -5.91 25.21
CA LYS B 156 -15.36 -5.19 25.71
C LYS B 156 -14.23 -5.39 24.70
N ILE B 157 -13.78 -4.30 24.09
CA ILE B 157 -12.78 -4.34 23.03
C ILE B 157 -11.48 -3.80 23.63
N THR B 158 -10.47 -4.66 23.76
CA THR B 158 -9.28 -4.30 24.53
C THR B 158 -8.01 -4.44 23.72
N ILE B 159 -7.02 -3.63 24.14
CA ILE B 159 -5.64 -3.79 23.70
C ILE B 159 -5.03 -4.80 24.67
N ALA B 160 -5.06 -6.07 24.27
CA ALA B 160 -4.54 -7.13 25.13
C ALA B 160 -3.02 -7.02 25.27
N ASP B 161 -2.34 -6.55 24.23
CA ASP B 161 -0.90 -6.38 24.26
C ASP B 161 -0.54 -5.36 23.19
N CYS B 162 0.65 -4.81 23.29
CA CYS B 162 1.08 -3.80 22.33
C CYS B 162 2.57 -3.60 22.46
N GLY B 163 3.18 -3.05 21.42
CA GLY B 163 4.60 -2.86 21.45
C GLY B 163 5.10 -2.24 20.15
N GLN B 164 6.42 -2.15 20.04
CA GLN B 164 7.05 -1.49 18.90
C GLN B 164 7.86 -2.51 18.10
N LEU B 165 7.57 -2.61 16.81
CA LEU B 165 8.29 -3.53 15.95
C LEU B 165 9.69 -3.00 15.62
N GLU B 166 10.59 -3.91 15.24
CA GLU B 166 11.91 -3.48 14.78
C GLU B 166 11.80 -2.60 13.55
N ASN C 4 21.48 22.79 3.02
CA ASN C 4 21.15 21.71 2.12
C ASN C 4 20.02 22.15 1.18
N PRO C 5 20.20 22.01 -0.13
CA PRO C 5 19.11 22.37 -1.05
C PRO C 5 17.96 21.37 -0.95
N THR C 6 16.78 21.84 -1.37
N THR C 6 16.79 21.83 -1.39
CA THR C 6 15.60 20.98 -1.54
CA THR C 6 15.64 20.96 -1.54
C THR C 6 15.15 21.07 -2.99
C THR C 6 15.11 21.07 -2.96
N VAL C 7 14.88 19.93 -3.59
CA VAL C 7 14.40 19.89 -4.96
C VAL C 7 13.10 19.10 -5.00
N PHE C 8 12.38 19.21 -6.12
CA PHE C 8 11.13 18.48 -6.25
C PHE C 8 11.02 17.84 -7.63
N PHE C 9 10.23 16.77 -7.67
CA PHE C 9 9.75 16.16 -8.90
C PHE C 9 8.24 16.18 -8.88
N ASP C 10 7.61 16.55 -10.00
CA ASP C 10 6.18 16.30 -10.22
C ASP C 10 6.07 15.00 -11.00
N ILE C 11 5.46 13.99 -10.39
CA ILE C 11 5.38 12.66 -10.97
C ILE C 11 4.09 12.55 -11.77
N ALA C 12 4.16 11.97 -12.96
CA ALA C 12 2.99 11.64 -13.76
C ALA C 12 2.95 10.15 -14.05
N VAL C 13 1.73 9.63 -14.19
CA VAL C 13 1.49 8.24 -14.51
C VAL C 13 0.72 8.22 -15.82
N ASP C 14 1.31 7.64 -16.85
CA ASP C 14 0.74 7.68 -18.20
C ASP C 14 0.31 9.11 -18.58
N GLY C 15 1.13 10.09 -18.22
CA GLY C 15 0.88 11.48 -18.56
C GLY C 15 -0.06 12.22 -17.63
N GLU C 16 -0.67 11.54 -16.66
N GLU C 16 -0.65 11.55 -16.63
CA GLU C 16 -1.53 12.34 -15.81
CA GLU C 16 -1.59 12.18 -15.71
C GLU C 16 -0.87 12.57 -14.46
C GLU C 16 -0.88 12.55 -14.42
N PRO C 17 -1.00 13.78 -13.93
CA PRO C 17 -0.30 14.13 -12.70
C PRO C 17 -0.73 13.27 -11.53
N LEU C 18 0.28 12.76 -10.82
CA LEU C 18 0.08 11.99 -9.59
C LEU C 18 0.33 12.85 -8.36
N GLY C 19 1.49 13.51 -8.27
CA GLY C 19 1.76 14.33 -7.13
C GLY C 19 3.22 14.72 -7.10
N ARG C 20 3.56 15.52 -6.11
CA ARG C 20 4.90 16.09 -5.97
C ARG C 20 5.69 15.36 -4.89
N VAL C 21 6.96 15.08 -5.20
CA VAL C 21 7.89 14.53 -4.23
C VAL C 21 9.02 15.54 -4.09
N SER C 22 9.35 15.90 -2.85
CA SER C 22 10.49 16.75 -2.62
C SER C 22 11.57 15.99 -1.87
N PHE C 23 12.81 16.45 -2.03
CA PHE C 23 13.98 15.79 -1.46
C PHE C 23 14.90 16.82 -0.83
N GLU C 24 15.37 16.53 0.37
CA GLU C 24 16.51 17.23 0.92
C GLU C 24 17.77 16.57 0.37
N LEU C 25 18.71 17.37 -0.12
CA LEU C 25 19.97 16.87 -0.63
C LEU C 25 21.07 17.21 0.37
N PHE C 26 21.82 16.19 0.80
CA PHE C 26 22.78 16.33 1.90
C PHE C 26 24.10 16.90 1.42
N ALA C 27 24.04 18.14 0.93
CA ALA C 27 25.23 18.86 0.47
C ALA C 27 26.24 19.02 1.59
N ASP C 28 25.77 19.02 2.85
CA ASP C 28 26.65 19.12 4.01
C ASP C 28 27.58 17.92 4.15
N LYS C 29 27.25 16.78 3.57
CA LYS C 29 28.07 15.58 3.67
C LYS C 29 28.62 15.12 2.34
N VAL C 30 27.87 15.29 1.25
CA VAL C 30 28.25 14.86 -0.09
C VAL C 30 28.00 15.99 -1.07
N PRO C 31 28.80 17.07 -1.01
CA PRO C 31 28.48 18.26 -1.80
C PRO C 31 28.46 18.02 -3.30
N LYS C 32 29.43 17.26 -3.82
N LYS C 32 29.43 17.29 -3.84
CA LYS C 32 29.51 17.07 -5.27
CA LYS C 32 29.48 17.10 -5.28
C LYS C 32 28.34 16.24 -5.78
C LYS C 32 28.31 16.25 -5.77
N THR C 33 27.94 15.22 -5.02
CA THR C 33 26.85 14.34 -5.43
C THR C 33 25.52 15.07 -5.30
N ALA C 34 25.35 15.82 -4.21
CA ALA C 34 24.15 16.63 -4.07
C ALA C 34 24.05 17.68 -5.17
N GLU C 35 25.16 18.32 -5.51
CA GLU C 35 25.14 19.37 -6.53
C GLU C 35 24.76 18.81 -7.89
N ASN C 36 25.25 17.62 -8.22
CA ASN C 36 24.89 16.99 -9.50
C ASN C 36 23.39 16.78 -9.59
N PHE C 37 22.80 16.17 -8.56
CA PHE C 37 21.36 15.91 -8.59
C PHE C 37 20.58 17.23 -8.61
N ARG C 38 21.06 18.22 -7.86
CA ARG C 38 20.39 19.51 -7.83
C ARG C 38 20.33 20.12 -9.23
N ALA C 39 21.47 20.20 -9.90
CA ALA C 39 21.52 20.81 -11.23
C ALA C 39 20.74 19.99 -12.26
N LEU C 40 20.73 18.66 -12.12
CA LEU C 40 19.93 17.87 -13.06
C LEU C 40 18.45 18.07 -12.82
N SER C 41 18.06 18.38 -11.56
CA SER C 41 16.66 18.66 -11.24
C SER C 41 16.24 20.04 -11.74
N THR C 42 17.14 21.03 -11.68
CA THR C 42 16.76 22.34 -12.22
C THR C 42 16.85 22.38 -13.72
N GLY C 43 17.67 21.53 -14.34
CA GLY C 43 17.92 21.59 -15.76
C GLY C 43 18.78 22.75 -16.19
N GLU C 44 19.45 23.42 -15.24
CA GLU C 44 20.12 24.69 -15.54
C GLU C 44 21.31 24.54 -16.47
N LYS C 45 21.86 23.33 -16.64
CA LYS C 45 22.97 23.14 -17.58
C LYS C 45 22.48 22.77 -18.97
N GLY C 46 21.17 22.70 -19.18
CA GLY C 46 20.62 22.39 -20.49
C GLY C 46 20.17 20.95 -20.66
N PHE C 47 20.33 20.12 -19.63
CA PHE C 47 19.88 18.74 -19.65
C PHE C 47 19.57 18.34 -18.22
N GLY C 48 18.83 17.24 -18.07
CA GLY C 48 18.48 16.79 -16.74
C GLY C 48 17.21 15.95 -16.74
N TYR C 49 16.59 15.89 -15.58
CA TYR C 49 15.59 14.88 -15.31
C TYR C 49 14.23 15.16 -15.92
N LYS C 50 13.94 16.41 -16.27
CA LYS C 50 12.58 16.73 -16.73
C LYS C 50 12.22 15.89 -17.94
N GLY C 51 11.07 15.20 -17.86
CA GLY C 51 10.59 14.39 -18.94
C GLY C 51 11.00 12.93 -18.88
N SER C 52 12.00 12.60 -18.07
CA SER C 52 12.54 11.25 -18.02
C SER C 52 11.64 10.35 -17.16
N CYS C 53 11.90 9.06 -17.20
N CYS C 53 11.94 9.06 -17.17
CA CYS C 53 11.00 8.12 -16.55
CA CYS C 53 11.09 8.03 -16.60
C CYS C 53 11.71 7.34 -15.44
C CYS C 53 11.74 7.38 -15.38
N PHE C 54 10.89 6.76 -14.56
CA PHE C 54 11.37 5.77 -13.59
C PHE C 54 11.31 4.46 -14.34
N HIS C 55 12.46 3.98 -14.82
CA HIS C 55 12.49 2.83 -15.70
C HIS C 55 12.50 1.50 -14.97
N ARG C 56 12.75 1.50 -13.67
CA ARG C 56 12.83 0.24 -12.92
C ARG C 56 12.25 0.48 -11.54
N ILE C 57 11.16 -0.20 -11.22
CA ILE C 57 10.53 -0.07 -9.91
C ILE C 57 10.31 -1.47 -9.37
N ILE C 58 10.93 -1.76 -8.22
CA ILE C 58 10.82 -3.07 -7.58
C ILE C 58 10.12 -2.85 -6.25
N PRO C 59 8.87 -3.28 -6.11
CA PRO C 59 8.12 -3.01 -4.88
C PRO C 59 8.82 -3.58 -3.66
N GLY C 60 8.80 -2.81 -2.57
CA GLY C 60 9.47 -3.19 -1.34
C GLY C 60 10.96 -2.98 -1.36
N PHE C 61 11.50 -2.49 -2.48
CA PHE C 61 12.96 -2.25 -2.58
C PHE C 61 13.19 -0.78 -2.96
N MET C 62 12.97 -0.42 -4.22
CA MET C 62 13.31 0.96 -4.63
C MET C 62 12.66 1.38 -5.95
N CYS C 63 12.66 2.68 -6.22
CA CYS C 63 12.19 3.21 -7.52
C CYS C 63 13.40 3.88 -8.16
N GLN C 64 13.78 3.48 -9.37
CA GLN C 64 14.99 3.97 -10.02
C GLN C 64 14.66 4.80 -11.26
N GLY C 65 15.39 5.90 -11.42
CA GLY C 65 15.28 6.76 -12.59
C GLY C 65 16.61 7.40 -12.93
N GLY C 66 16.55 8.48 -13.71
CA GLY C 66 17.71 9.29 -14.03
C GLY C 66 18.36 9.03 -15.37
N ASP C 67 17.88 8.06 -16.16
CA ASP C 67 18.45 7.83 -17.48
C ASP C 67 17.73 8.74 -18.47
N PHE C 68 18.21 9.97 -18.58
CA PHE C 68 17.59 10.93 -19.47
C PHE C 68 18.24 10.96 -20.85
N THR C 69 19.19 10.08 -21.13
CA THR C 69 19.80 10.06 -22.47
C THR C 69 19.38 8.86 -23.32
N ARG C 70 19.20 7.69 -22.71
CA ARG C 70 18.78 6.51 -23.45
C ARG C 70 17.45 5.98 -22.97
N HIS C 71 17.00 6.40 -21.79
CA HIS C 71 15.69 6.03 -21.27
C HIS C 71 15.50 4.54 -21.12
N ASN C 72 16.60 3.80 -20.95
CA ASN C 72 16.50 2.35 -20.82
C ASN C 72 17.36 1.76 -19.71
N GLY C 73 18.07 2.58 -18.94
CA GLY C 73 18.93 2.11 -17.87
C GLY C 73 20.40 2.06 -18.21
N THR C 74 20.78 2.26 -19.46
CA THR C 74 22.19 2.27 -19.81
C THR C 74 22.77 3.67 -19.93
N GLY C 75 21.95 4.71 -19.87
CA GLY C 75 22.43 6.05 -20.12
C GLY C 75 22.44 6.95 -18.90
N GLY C 76 22.29 8.24 -19.15
CA GLY C 76 22.50 9.25 -18.15
C GLY C 76 23.93 9.77 -18.16
N LYS C 77 24.09 10.98 -17.63
CA LYS C 77 25.41 11.58 -17.49
C LYS C 77 25.33 12.59 -16.37
N SER C 78 26.48 12.79 -15.71
CA SER C 78 26.56 13.79 -14.67
C SER C 78 26.83 15.16 -15.29
N ILE C 79 26.76 16.20 -14.45
CA ILE C 79 27.13 17.54 -14.91
C ILE C 79 28.64 17.70 -15.01
N TYR C 80 29.41 16.72 -14.56
N TYR C 80 29.43 16.70 -14.64
CA TYR C 80 30.87 16.75 -14.57
CA TYR C 80 30.87 16.85 -14.54
C TYR C 80 31.45 15.95 -15.71
C TYR C 80 31.64 16.41 -15.79
N GLY C 81 30.62 15.32 -16.52
N GLY C 81 30.95 16.07 -16.88
CA GLY C 81 31.02 14.31 -17.47
CA GLY C 81 31.60 15.68 -18.11
C GLY C 81 30.19 13.07 -17.31
C GLY C 81 32.12 14.26 -18.14
N GLU C 82 30.47 12.07 -18.15
N GLU C 82 32.01 13.53 -17.04
CA GLU C 82 29.65 10.87 -18.16
CA GLU C 82 32.48 12.15 -16.93
C GLU C 82 29.60 10.22 -16.78
C GLU C 82 31.81 11.55 -15.71
N LYS C 83 30.75 10.09 -16.11
N LYS C 83 31.82 10.22 -15.65
CA LYS C 83 30.79 9.41 -14.82
CA LYS C 83 31.43 9.53 -14.43
C LYS C 83 31.69 10.17 -13.85
C LYS C 83 32.29 10.04 -13.28
N PHE C 84 31.44 9.98 -12.54
N PHE C 84 31.67 10.33 -12.14
CA PHE C 84 32.30 10.53 -11.51
CA PHE C 84 32.41 10.90 -11.03
C PHE C 84 32.43 9.58 -10.32
C PHE C 84 32.60 9.89 -9.91
N GLU C 85 33.35 9.91 -9.42
N GLU C 85 33.70 10.05 -9.19
CA GLU C 85 33.79 9.00 -8.38
CA GLU C 85 34.06 9.10 -8.15
C GLU C 85 32.81 9.00 -7.19
C GLU C 85 33.03 9.10 -7.03
N ASP C 86 32.94 7.96 -6.36
CA ASP C 86 32.14 7.86 -5.14
C ASP C 86 32.70 8.85 -4.14
N GLU C 87 31.88 9.81 -3.76
CA GLU C 87 32.37 10.91 -2.93
C GLU C 87 32.76 10.41 -1.55
N ASN C 88 31.86 9.69 -0.89
CA ASN C 88 32.10 9.02 0.39
C ASN C 88 30.90 8.11 0.64
N PHE C 89 31.02 7.27 1.66
CA PHE C 89 29.95 6.38 2.11
C PHE C 89 29.53 6.69 3.55
N ILE C 90 29.57 7.98 3.91
CA ILE C 90 29.26 8.38 5.28
C ILE C 90 27.83 8.04 5.64
N LEU C 91 26.89 8.35 4.76
CA LEU C 91 25.47 8.16 5.03
C LEU C 91 25.03 6.76 4.61
N LYS C 92 24.04 6.24 5.32
CA LYS C 92 23.60 4.86 5.17
C LYS C 92 22.16 4.78 4.67
N HIS C 93 21.82 3.61 4.15
CA HIS C 93 20.51 3.30 3.60
C HIS C 93 19.62 2.87 4.77
N THR C 94 19.10 3.87 5.49
CA THR C 94 18.49 3.65 6.79
C THR C 94 17.01 3.30 6.75
N GLY C 95 16.32 3.53 5.64
CA GLY C 95 14.91 3.27 5.59
C GLY C 95 14.25 3.87 4.37
N PRO C 96 12.92 3.81 4.32
CA PRO C 96 12.17 4.40 3.21
C PRO C 96 12.51 5.88 3.02
N GLY C 97 12.59 6.29 1.75
CA GLY C 97 12.80 7.68 1.42
C GLY C 97 14.24 8.02 1.08
N ILE C 98 15.20 7.14 1.41
CA ILE C 98 16.59 7.43 1.11
C ILE C 98 16.81 7.54 -0.39
N LEU C 99 17.56 8.56 -0.78
CA LEU C 99 17.95 8.82 -2.15
C LEU C 99 19.44 8.47 -2.29
N SER C 100 19.75 7.60 -3.25
CA SER C 100 21.09 7.04 -3.39
C SER C 100 21.43 6.89 -4.87
N MET C 101 22.73 6.89 -5.17
CA MET C 101 23.19 6.76 -6.55
C MET C 101 23.21 5.32 -7.04
N ALA C 102 22.58 5.10 -8.18
CA ALA C 102 22.78 3.87 -8.92
C ALA C 102 24.14 3.94 -9.57
N ASN C 103 24.74 2.78 -9.83
CA ASN C 103 26.03 2.75 -10.48
C ASN C 103 26.22 1.40 -11.16
N ALA C 104 27.31 1.31 -11.93
CA ALA C 104 27.71 0.06 -12.54
C ALA C 104 29.01 -0.45 -11.96
N GLY C 105 29.26 -0.12 -10.68
CA GLY C 105 30.48 -0.45 -10.00
C GLY C 105 31.12 0.78 -9.37
N PRO C 106 32.22 0.57 -8.65
CA PRO C 106 32.92 1.70 -8.00
C PRO C 106 33.23 2.81 -8.97
N ASN C 107 32.98 4.05 -8.52
CA ASN C 107 33.35 5.28 -9.23
C ASN C 107 32.75 5.35 -10.63
N THR C 108 31.45 5.05 -10.72
CA THR C 108 30.75 5.14 -11.99
C THR C 108 29.46 5.95 -11.87
N ASN C 109 29.41 6.89 -10.94
CA ASN C 109 28.21 7.72 -10.77
C ASN C 109 27.99 8.58 -12.01
N GLY C 110 26.75 8.63 -12.48
CA GLY C 110 26.37 9.49 -13.58
C GLY C 110 25.19 10.35 -13.18
N SER C 111 24.01 9.94 -13.60
CA SER C 111 22.78 10.62 -13.19
C SER C 111 21.72 9.67 -12.66
N GLN C 112 21.95 8.35 -12.71
CA GLN C 112 20.91 7.44 -12.27
C GLN C 112 20.89 7.32 -10.75
N PHE C 113 19.67 7.21 -10.20
CA PHE C 113 19.48 7.26 -8.76
C PHE C 113 18.33 6.32 -8.43
N PHE C 114 18.17 6.05 -7.14
CA PHE C 114 17.01 5.31 -6.69
C PHE C 114 16.52 5.87 -5.37
N ILE C 115 15.21 5.75 -5.17
CA ILE C 115 14.53 6.10 -3.93
C ILE C 115 14.17 4.78 -3.24
N CYS C 116 14.73 4.56 -2.07
CA CYS C 116 14.45 3.32 -1.35
C CYS C 116 13.05 3.37 -0.76
N THR C 117 12.41 2.21 -0.73
CA THR C 117 11.14 2.05 -0.05
C THR C 117 11.24 1.14 1.18
N ALA C 118 12.46 0.81 1.58
CA ALA C 118 12.75 -0.02 2.74
C ALA C 118 14.18 0.29 3.15
N LYS C 119 14.56 -0.18 4.34
CA LYS C 119 15.96 -0.16 4.74
C LYS C 119 16.72 -1.17 3.91
N THR C 120 17.88 -0.77 3.39
CA THR C 120 18.67 -1.62 2.49
C THR C 120 20.14 -1.59 2.91
N GLU C 121 20.45 -2.17 4.08
N GLU C 121 20.44 -2.19 4.08
CA GLU C 121 21.79 -2.04 4.65
CA GLU C 121 21.77 -2.13 4.68
C GLU C 121 22.86 -2.73 3.79
C GLU C 121 22.82 -2.67 3.73
N TRP C 122 22.48 -3.72 2.99
CA TRP C 122 23.39 -4.38 2.06
C TRP C 122 23.84 -3.51 0.90
N LEU C 123 23.36 -2.28 0.80
CA LEU C 123 23.91 -1.30 -0.13
C LEU C 123 24.92 -0.36 0.51
N ASP C 124 25.02 -0.32 1.85
CA ASP C 124 25.95 0.60 2.49
C ASP C 124 27.37 0.31 2.05
N GLY C 125 28.10 1.37 1.70
CA GLY C 125 29.45 1.23 1.22
C GLY C 125 29.57 0.91 -0.24
N LYS C 126 28.44 0.70 -0.96
CA LYS C 126 28.48 0.46 -2.40
C LYS C 126 27.79 1.58 -3.18
N HIS C 127 26.82 2.27 -2.58
CA HIS C 127 26.05 3.31 -3.26
C HIS C 127 26.09 4.54 -2.38
N VAL C 128 26.34 5.69 -2.99
CA VAL C 128 26.46 6.94 -2.25
C VAL C 128 25.06 7.46 -1.95
N VAL C 129 24.74 7.51 -0.65
CA VAL C 129 23.52 8.12 -0.16
C VAL C 129 23.71 9.63 -0.13
N PHE C 130 22.75 10.36 -0.68
CA PHE C 130 22.95 11.80 -0.79
C PHE C 130 21.69 12.62 -0.56
N GLY C 131 20.57 12.00 -0.20
CA GLY C 131 19.37 12.77 0.06
C GLY C 131 18.30 11.90 0.67
N LYS C 132 17.14 12.52 0.90
CA LYS C 132 16.00 11.80 1.45
C LYS C 132 14.73 12.52 1.08
N VAL C 133 13.68 11.75 0.80
CA VAL C 133 12.36 12.32 0.57
C VAL C 133 11.94 13.15 1.77
N LYS C 134 11.41 14.35 1.48
N LYS C 134 11.46 14.36 1.50
CA LYS C 134 10.88 15.26 2.48
CA LYS C 134 10.81 15.16 2.52
C LYS C 134 9.36 15.28 2.47
C LYS C 134 9.31 15.01 2.34
N GLU C 135 8.74 15.70 1.36
CA GLU C 135 7.31 15.61 1.13
C GLU C 135 7.04 14.58 0.04
N GLY C 136 5.89 13.93 0.14
CA GLY C 136 5.42 13.10 -0.94
C GLY C 136 5.84 11.65 -0.90
N MET C 137 6.27 11.14 0.26
CA MET C 137 6.45 9.69 0.34
C MET C 137 5.22 8.90 -0.11
N ASN C 138 4.02 9.42 0.15
CA ASN C 138 2.82 8.76 -0.31
C ASN C 138 2.75 8.64 -1.83
N ILE C 139 3.36 9.59 -2.55
CA ILE C 139 3.42 9.53 -4.00
C ILE C 139 4.37 8.43 -4.45
N VAL C 140 5.53 8.32 -3.79
CA VAL C 140 6.45 7.23 -4.07
C VAL C 140 5.77 5.88 -3.83
N GLU C 141 5.00 5.80 -2.75
CA GLU C 141 4.28 4.56 -2.44
C GLU C 141 3.27 4.23 -3.54
N ALA C 142 2.65 5.26 -4.10
CA ALA C 142 1.67 5.08 -5.17
C ALA C 142 2.33 4.54 -6.43
N MET C 143 3.48 5.12 -6.78
CA MET C 143 4.21 4.70 -7.98
C MET C 143 4.70 3.26 -7.85
N GLU C 144 5.17 2.91 -6.65
CA GLU C 144 5.66 1.57 -6.38
C GLU C 144 4.67 0.49 -6.78
N ARG C 145 3.38 0.82 -6.73
CA ARG C 145 2.35 -0.18 -7.00
C ARG C 145 2.31 -0.63 -8.46
N PHE C 146 2.97 0.09 -9.36
CA PHE C 146 3.04 -0.31 -10.76
C PHE C 146 4.29 -1.08 -11.12
N GLY C 147 5.16 -1.37 -10.14
CA GLY C 147 6.38 -2.10 -10.39
C GLY C 147 6.22 -3.61 -10.27
N SER C 148 7.33 -4.31 -10.39
CA SER C 148 7.34 -5.76 -10.39
C SER C 148 8.70 -6.26 -9.94
N ARG C 149 8.78 -7.57 -9.68
CA ARG C 149 10.02 -8.18 -9.22
C ARG C 149 11.20 -7.90 -10.12
N ASN C 150 11.00 -7.96 -11.44
CA ASN C 150 12.13 -7.65 -12.31
C ASN C 150 12.28 -6.16 -12.56
N GLY C 151 11.31 -5.36 -12.11
CA GLY C 151 11.42 -3.92 -12.17
C GLY C 151 10.62 -3.28 -13.29
N LYS C 152 10.08 -4.06 -14.22
CA LYS C 152 9.27 -3.48 -15.29
C LYS C 152 8.03 -2.82 -14.68
N THR C 153 7.69 -1.65 -15.21
CA THR C 153 6.51 -0.92 -14.79
C THR C 153 5.36 -1.14 -15.78
N SER C 154 4.14 -1.21 -15.26
CA SER C 154 2.99 -1.44 -16.12
C SER C 154 2.29 -0.15 -16.52
N LYS C 155 2.76 0.99 -16.01
CA LYS C 155 2.37 2.29 -16.50
C LYS C 155 3.66 3.10 -16.63
N LYS C 156 3.64 4.11 -17.48
CA LYS C 156 4.81 4.93 -17.71
C LYS C 156 4.87 5.98 -16.62
N ILE C 157 5.91 5.91 -15.78
CA ILE C 157 6.05 6.79 -14.62
C ILE C 157 7.09 7.82 -15.00
N THR C 158 6.69 9.09 -15.09
CA THR C 158 7.62 10.12 -15.56
C THR C 158 7.73 11.28 -14.58
N ILE C 159 8.83 12.00 -14.74
CA ILE C 159 9.06 13.25 -14.03
C ILE C 159 8.54 14.34 -14.97
N ALA C 160 7.29 14.77 -14.76
CA ALA C 160 6.70 15.75 -15.65
C ALA C 160 7.36 17.11 -15.49
N ASP C 161 7.82 17.44 -14.30
CA ASP C 161 8.54 18.69 -14.10
C ASP C 161 9.37 18.50 -12.85
N CYS C 162 10.34 19.39 -12.64
CA CYS C 162 11.26 19.30 -11.53
C CYS C 162 11.98 20.63 -11.38
N GLY C 163 12.48 20.88 -10.17
CA GLY C 163 13.14 22.15 -9.90
C GLY C 163 13.63 22.21 -8.47
N GLN C 164 14.05 23.41 -8.08
CA GLN C 164 14.70 23.65 -6.79
C GLN C 164 13.86 24.66 -6.00
N LEU C 165 13.39 24.25 -4.84
CA LEU C 165 12.69 25.15 -3.92
C LEU C 165 13.67 26.15 -3.30
N GLU C 166 13.14 27.28 -2.85
CA GLU C 166 13.99 28.30 -2.24
C GLU C 166 14.69 27.79 -0.99
C ACE D 1 -3.00 -16.70 -27.20
O ACE D 1 -3.80 -16.73 -28.11
CH3 ACE D 1 -2.26 -15.41 -26.91
N ASP D 2 -2.35 -17.78 -26.80
CA ASP D 2 -2.81 -19.12 -27.10
C ASP D 2 -3.81 -19.54 -26.05
N PRO D 3 -4.78 -20.39 -26.42
CA PRO D 3 -5.77 -20.85 -25.45
C PRO D 3 -5.10 -21.77 -24.41
N ALA D 4 -5.61 -21.76 -23.19
CA ALA D 4 -5.08 -22.60 -22.14
C ALA D 4 -6.19 -23.08 -21.22
N ASN D 5 -6.18 -24.36 -20.88
CA ASN D 5 -7.16 -24.90 -19.93
C ASN D 5 -6.73 -24.51 -18.54
N GLN D 6 -7.40 -23.50 -17.99
CA GLN D 6 -7.00 -22.92 -16.70
C GLN D 6 -7.83 -23.53 -15.59
N ASP D 7 -7.64 -24.84 -15.43
CA ASP D 7 -8.53 -25.64 -14.59
C ASP D 7 -7.78 -26.45 -13.54
N CYS D 8 -6.50 -26.16 -13.28
CA CYS D 8 -5.73 -26.98 -12.34
C CYS D 8 -6.34 -27.00 -10.95
N HIS D 9 -6.95 -25.89 -10.51
CA HIS D 9 -7.61 -25.88 -9.20
C HIS D 9 -8.79 -26.84 -9.15
N VAL D 10 -9.46 -27.05 -10.27
CA VAL D 10 -10.57 -28.01 -10.28
C VAL D 10 -10.05 -29.44 -10.17
N ALA D 11 -8.95 -29.76 -10.86
CA ALA D 11 -8.33 -31.07 -10.70
C ALA D 11 -7.87 -31.28 -9.25
N ALA D 12 -7.32 -30.24 -8.63
CA ALA D 12 -6.91 -30.34 -7.23
C ALA D 12 -8.11 -30.60 -6.33
N TRP D 13 -9.23 -29.94 -6.62
N TRP D 13 -9.23 -29.94 -6.60
CA TRP D 13 -10.49 -30.16 -5.90
CA TRP D 13 -10.44 -30.20 -5.85
C TRP D 13 -10.94 -31.61 -6.01
C TRP D 13 -10.87 -31.65 -5.98
N HIS D 14 -10.89 -32.15 -7.15
CA HIS D 14 -11.25 -33.57 -7.40
C HIS D 14 -10.30 -34.49 -6.62
N CYS D 15 -9.01 -34.17 -6.61
CA CYS D 15 -8.06 -34.97 -5.83
C CYS D 15 -8.37 -34.91 -4.34
N TRP D 16 -8.70 -33.72 -3.83
CA TRP D 16 -9.09 -33.62 -2.43
C TRP D 16 -10.37 -34.39 -2.15
N GLN D 17 -11.26 -34.47 -3.13
CA GLN D 17 -12.52 -35.25 -2.96
C GLN D 17 -12.21 -36.75 -2.82
N ARG D 18 -11.02 -37.20 -3.23
CA ARG D 18 -10.66 -38.60 -3.03
C ARG D 18 -10.63 -38.91 -1.55
N PRO E 3 -13.49 16.24 34.96
CA PRO E 3 -12.61 16.36 33.79
C PRO E 3 -13.39 16.29 32.48
N ALA E 4 -13.00 17.11 31.51
CA ALA E 4 -13.72 17.18 30.25
C ALA E 4 -13.57 15.88 29.48
N ASN E 5 -14.62 15.52 28.75
CA ASN E 5 -14.58 14.35 27.89
C ASN E 5 -13.95 14.74 26.56
N GLN E 6 -13.01 13.93 26.10
CA GLN E 6 -12.24 14.24 24.89
C GLN E 6 -13.05 13.75 23.68
N ASP E 7 -14.18 14.44 23.46
CA ASP E 7 -15.17 13.99 22.48
C ASP E 7 -15.37 15.01 21.37
N CYS E 8 -14.42 15.93 21.17
CA CYS E 8 -14.62 16.96 20.18
C CYS E 8 -14.78 16.42 18.76
N HIS E 9 -14.12 15.30 18.42
CA HIS E 9 -14.33 14.75 17.08
C HIS E 9 -15.74 14.18 16.94
N VAL E 10 -16.31 13.69 18.04
CA VAL E 10 -17.71 13.23 18.01
C VAL E 10 -18.66 14.40 17.91
N ALA E 11 -18.35 15.51 18.59
CA ALA E 11 -19.19 16.70 18.44
C ALA E 11 -19.17 17.18 16.99
N ALA E 12 -18.00 17.14 16.35
CA ALA E 12 -17.94 17.55 14.95
C ALA E 12 -18.70 16.58 14.05
N TRP E 13 -18.63 15.29 14.36
CA TRP E 13 -19.42 14.32 13.61
C TRP E 13 -20.93 14.57 13.77
N HIS E 14 -21.38 14.86 14.99
CA HIS E 14 -22.81 15.18 15.22
C HIS E 14 -23.19 16.39 14.35
N CYS E 15 -22.33 17.42 14.34
CA CYS E 15 -22.60 18.59 13.50
C CYS E 15 -22.72 18.19 12.03
N TRP E 16 -21.79 17.36 11.57
N TRP E 16 -21.79 17.37 11.57
CA TRP E 16 -21.80 16.94 10.17
CA TRP E 16 -21.79 16.94 10.18
C TRP E 16 -23.07 16.17 9.83
C TRP E 16 -23.08 16.21 9.85
N GLN E 17 -23.56 15.36 10.77
CA GLN E 17 -24.80 14.63 10.54
C GLN E 17 -26.00 15.56 10.44
N ARG E 18 -25.94 16.72 11.07
CA ARG E 18 -27.08 17.63 11.07
C ARG E 18 -27.20 18.28 9.70
N PRO F 3 27.90 0.96 -22.66
CA PRO F 3 26.59 1.22 -22.06
C PRO F 3 26.18 0.10 -21.11
N ALA F 4 26.91 -0.07 -20.02
CA ALA F 4 26.50 -1.01 -18.99
C ALA F 4 25.21 -0.52 -18.33
N ASN F 5 24.37 -1.47 -17.96
CA ASN F 5 23.17 -1.12 -17.22
C ASN F 5 23.59 -0.84 -15.78
N GLN F 6 23.09 0.25 -15.21
N GLN F 6 23.09 0.26 -15.21
CA GLN F 6 23.47 0.65 -13.86
CA GLN F 6 23.48 0.65 -13.86
C GLN F 6 22.58 -0.06 -12.83
C GLN F 6 22.58 -0.05 -12.85
N ASP F 7 22.87 -1.36 -12.66
CA ASP F 7 22.00 -2.26 -11.91
C ASP F 7 22.70 -2.90 -10.71
N CYS F 8 23.83 -2.36 -10.25
CA CYS F 8 24.57 -3.06 -9.21
C CYS F 8 23.81 -3.15 -7.89
N HIS F 9 22.94 -2.19 -7.58
CA HIS F 9 22.14 -2.31 -6.37
C HIS F 9 21.12 -3.42 -6.49
N VAL F 10 20.63 -3.67 -7.71
CA VAL F 10 19.72 -4.79 -7.94
C VAL F 10 20.45 -6.12 -7.78
N ALA F 11 21.70 -6.18 -8.26
CA ALA F 11 22.52 -7.36 -8.05
C ALA F 11 22.70 -7.63 -6.55
N ALA F 12 22.96 -6.58 -5.78
CA ALA F 12 23.11 -6.76 -4.33
C ALA F 12 21.80 -7.24 -3.68
N TRP F 13 20.66 -6.68 -4.11
CA TRP F 13 19.37 -7.13 -3.61
C TRP F 13 19.13 -8.60 -3.94
N HIS F 14 19.39 -9.00 -5.19
CA HIS F 14 19.26 -10.41 -5.57
C HIS F 14 20.13 -11.30 -4.69
N CYS F 15 21.36 -10.85 -4.42
CA CYS F 15 22.25 -11.62 -3.55
C CYS F 15 21.64 -11.77 -2.17
N TRP F 16 21.16 -10.67 -1.59
N TRP F 16 21.19 -10.66 -1.57
CA TRP F 16 20.61 -10.71 -0.24
CA TRP F 16 20.61 -10.72 -0.24
C TRP F 16 19.40 -11.63 -0.18
C TRP F 16 19.43 -11.70 -0.21
N GLN F 17 18.56 -11.64 -1.22
CA GLN F 17 17.39 -12.50 -1.26
C GLN F 17 17.75 -13.99 -1.25
N ARG F 18 18.95 -14.36 -1.69
CA ARG F 18 19.31 -15.77 -1.72
C ARG F 18 19.49 -16.32 -0.33
C1 EDO G . -11.30 4.85 -9.31
O1 EDO G . -9.94 5.28 -9.41
C2 EDO G . -12.21 5.65 -10.23
O2 EDO G . -12.36 6.99 -9.73
C1 EDO H . -11.09 -1.28 30.24
O1 EDO H . -11.97 -0.52 31.06
C2 EDO H . -9.69 -1.23 30.82
O2 EDO H . -9.77 -1.19 32.24
C1 EDO I . 9.94 5.58 7.06
O1 EDO I . 10.38 6.79 7.71
C2 EDO I . 8.44 5.53 6.87
O2 EDO I . 8.04 6.04 5.59
C1 EDO J . 10.38 -7.04 11.80
O1 EDO J . 11.66 -6.72 11.25
C2 EDO J . 9.91 -8.38 11.26
O2 EDO J . 9.09 -9.07 12.23
C1 EDO K . 13.45 5.35 18.83
O1 EDO K . 14.40 4.32 18.55
C2 EDO K . 12.04 4.79 18.59
O2 EDO K . 11.80 4.63 17.19
C1 EDO L . 2.00 10.75 37.48
O1 EDO L . 2.41 11.32 36.22
C2 EDO L . 0.58 10.21 37.42
O2 EDO L . -0.38 11.14 36.94
C1 EDO M . 18.38 -0.31 -14.12
O1 EDO M . 19.34 0.50 -14.82
C2 EDO M . 17.62 -1.15 -15.14
O2 EDO M . 18.10 -2.50 -15.08
C1 EDO N . 9.97 8.84 4.87
O1 EDO N . 10.28 9.24 6.21
C2 EDO N . 10.36 9.95 3.90
O2 EDO N . 11.78 10.17 3.90
C1 EDO O . 20.36 10.86 6.35
O1 EDO O . 19.15 10.53 7.07
C2 EDO O . 21.45 9.82 6.59
O2 EDO O . 21.05 8.54 6.09
C1 EDO P . 20.47 15.38 -23.24
O1 EDO P . 20.07 16.36 -24.21
C2 EDO P . 19.70 14.08 -23.47
O2 EDO P . 20.23 13.39 -24.59
C1 EDO Q . -2.19 9.48 -2.44
O1 EDO Q . -3.42 8.96 -2.95
C2 EDO Q . -1.03 8.93 -3.25
O2 EDO Q . -1.28 9.19 -4.64
C1 EDO R . 22.15 13.80 7.15
O1 EDO R . 21.74 13.81 8.52
C2 EDO R . 23.16 14.91 6.89
O2 EDO R . 22.53 16.21 7.03
N NH2 S . -10.23 -37.92 -0.60
CA WHL T . -4.01 -32.90 -9.81
CB WHL T . -3.97 -32.23 -11.01
NB WHL T . -3.62 -30.17 -12.29
OB WHL T . -3.68 -35.14 -7.99
CG WHL T . -3.72 -34.33 -7.11
CD WHL T . -3.23 -30.24 -9.88
CE WHL T . -3.24 -30.92 -8.67
CH WHL T . -3.83 -34.73 -5.65
CC WHL T . -3.58 -30.90 -11.04
CF WHL T . -3.62 -32.26 -8.64
CJ WHL T . -2.71 -29.13 -12.71
CK WHL T . -3.04 -28.47 -14.05
NA WHL T . -3.65 -32.91 -7.36
OA WHL T . -1.76 -28.81 -12.08
N NH2 U . -26.10 18.39 8.80
CA WHL V . -18.22 21.02 16.74
CB WHL V . -17.42 20.92 17.85
NB WHL V . -15.13 21.05 18.79
OB WHL V . -20.31 22.37 15.14
CG WHL V . -19.74 21.95 14.19
CD WHL V . -15.48 21.37 16.45
CE WHL V . -16.30 21.47 15.35
CH WHL V . -20.35 21.96 12.80
CC WHL V . -16.04 21.09 17.68
CF WHL V . -17.65 21.29 15.50
CJ WHL V . -15.36 20.52 20.10
CK WHL V . -14.18 20.63 21.07
NA WHL V . -18.43 21.40 14.29
OA WHL V . -16.39 20.01 20.40
N NH2 W . 19.81 -15.47 0.78
CA WHL X . 26.54 -8.25 -6.03
CB WHL X . 26.95 -7.37 -7.03
NB WHL X . 27.93 -5.20 -7.69
OB WHL X . 26.82 -10.82 -4.56
CG WHL X . 26.46 -10.18 -3.60
CD WHL X . 27.67 -5.81 -5.36
CE WHL X . 27.30 -6.68 -4.38
CH WHL X . 26.06 -10.83 -2.29
CC WHL X . 27.48 -6.15 -6.68
CF WHL X . 26.75 -7.91 -4.71
CJ WHL X . 27.51 -5.15 -9.07
CK WHL X . 28.16 -4.05 -9.91
NA WHL X . 26.39 -8.75 -3.60
OA WHL X . 26.70 -5.90 -9.52
#